data_2APH
#
_entry.id   2APH
#
_cell.length_a   37.860
_cell.length_b   58.630
_cell.length_c   70.400
_cell.angle_alpha   90.00
_cell.angle_beta   93.65
_cell.angle_gamma   90.00
#
_symmetry.space_group_name_H-M   'P 1 21 1'
#
loop_
_entity.id
_entity.type
_entity.pdbx_description
1 polymer 'Peptidoglycan recognition protein I-alpha'
2 polymer 'muramyl pentapeptide'
3 non-polymer 'SULFATE ION'
4 non-polymer 'N-acetyl-beta-muramic acid'
5 water water
#
loop_
_entity_poly.entity_id
_entity_poly.type
_entity_poly.pdbx_seq_one_letter_code
_entity_poly.pdbx_strand_id
1 'polypeptide(L)'
;VCPNIIKRSAWEARETHCPKMNLPAKYVIIIHTAGTSCTVSTDCQTVVRNIQSFHMDTRNFCDIGYHFLVGQDGGVYEGV
GWHIQGSHTYGFNDIALGIAFIGYFVEKPPNAAALEAAQDLIQCAVVEGYLTPNYLLMGHSDVVNILSPGQALYNIISTW
PHFKH
;
A,B
2 'polypeptide(L)' A(GMA)K(DAL)(DAL)(NH2) C,D
#
loop_
_chem_comp.id
_chem_comp.type
_chem_comp.name
_chem_comp.formula
AMU D-saccharide, beta linking 'N-acetyl-beta-muramic acid' 'C11 H19 N O8'
NH2 non-polymer 'AMINO GROUP' 'H2 N'
SO4 non-polymer 'SULFATE ION' 'O4 S -2'
#
# COMPACT_ATOMS: atom_id res chain seq x y z
N VAL A 1 -3.93 37.32 3.03
CA VAL A 1 -2.84 36.48 3.57
C VAL A 1 -3.02 35.02 3.14
N CYS A 2 -3.24 34.13 4.10
CA CYS A 2 -3.47 32.72 3.82
C CYS A 2 -4.88 32.51 3.30
N PRO A 3 -5.06 31.64 2.29
CA PRO A 3 -6.41 31.38 1.76
C PRO A 3 -7.23 30.74 2.87
N ASN A 4 -8.54 30.86 2.78
CA ASN A 4 -9.45 30.31 3.79
C ASN A 4 -9.12 28.92 4.34
N ILE A 5 -9.16 27.91 3.48
CA ILE A 5 -8.89 26.52 3.87
C ILE A 5 -10.10 25.85 4.54
N ILE A 6 -10.68 24.89 3.83
CA ILE A 6 -11.85 24.13 4.28
C ILE A 6 -11.31 22.93 5.07
N LYS A 7 -11.72 22.83 6.33
CA LYS A 7 -11.24 21.80 7.25
C LYS A 7 -11.94 20.44 7.17
N ARG A 8 -11.27 19.43 7.70
CA ARG A 8 -11.77 18.06 7.69
C ARG A 8 -13.19 17.90 8.22
N SER A 9 -13.53 18.65 9.27
CA SER A 9 -14.86 18.55 9.84
C SER A 9 -15.91 18.94 8.81
N ALA A 10 -15.59 19.94 7.99
CA ALA A 10 -16.52 20.41 6.96
C ALA A 10 -16.83 19.33 5.93
N TRP A 11 -15.83 18.54 5.52
CA TRP A 11 -16.11 17.48 4.55
C TRP A 11 -16.28 16.11 5.24
N GLU A 12 -16.54 16.17 6.54
CA GLU A 12 -16.80 15.00 7.37
C GLU A 12 -15.74 13.91 7.28
N ALA A 13 -14.50 14.27 7.61
CA ALA A 13 -13.39 13.34 7.55
C ALA A 13 -13.44 12.31 8.67
N ARG A 14 -13.08 11.07 8.35
CA ARG A 14 -13.03 10.01 9.35
C ARG A 14 -11.90 10.36 10.33
N GLU A 15 -12.03 9.96 11.59
CA GLU A 15 -11.02 10.24 12.63
C GLU A 15 -9.85 9.27 12.58
N THR A 16 -8.65 9.79 12.80
CA THR A 16 -7.43 8.97 12.79
C THR A 16 -6.40 9.49 13.79
N HIS A 17 -5.31 8.74 13.94
CA HIS A 17 -4.19 9.15 14.79
C HIS A 17 -2.95 8.74 14.02
N CYS A 18 -2.49 9.64 13.16
CA CYS A 18 -1.35 9.37 12.32
C CYS A 18 -0.08 10.10 12.75
N PRO A 19 1.10 9.60 12.32
CA PRO A 19 2.37 10.22 12.69
C PRO A 19 2.52 11.70 12.29
N LYS A 20 3.18 12.46 13.15
CA LYS A 20 3.36 13.88 12.93
C LYS A 20 4.36 14.24 11.86
N MET A 21 4.15 15.40 11.25
CA MET A 21 5.02 15.91 10.21
C MET A 21 5.94 16.89 10.92
N ASN A 22 7.25 16.76 10.71
CA ASN A 22 8.18 17.69 11.32
C ASN A 22 8.35 18.90 10.39
N LEU A 23 7.99 20.07 10.90
CA LEU A 23 8.09 21.31 10.14
C LEU A 23 9.40 22.02 10.41
N PRO A 24 9.88 22.84 9.45
CA PRO A 24 9.26 23.12 8.15
C PRO A 24 9.67 22.14 7.06
N ALA A 25 8.77 21.94 6.09
CA ALA A 25 9.05 21.03 4.99
C ALA A 25 10.09 21.67 4.07
N LYS A 26 10.84 20.83 3.37
CA LYS A 26 11.88 21.30 2.46
C LYS A 26 11.44 21.36 1.00
N TYR A 27 10.35 20.67 0.68
CA TYR A 27 9.86 20.65 -0.68
C TYR A 27 8.34 20.79 -0.79
N VAL A 28 7.88 21.03 -2.01
CA VAL A 28 6.46 21.07 -2.32
C VAL A 28 6.37 20.23 -3.59
N ILE A 29 5.48 19.24 -3.57
CA ILE A 29 5.28 18.37 -4.71
C ILE A 29 3.87 18.59 -5.23
N ILE A 30 3.77 18.88 -6.52
CA ILE A 30 2.48 19.14 -7.15
C ILE A 30 1.95 17.83 -7.70
N ILE A 31 0.66 17.60 -7.47
CA ILE A 31 -0.03 16.38 -7.85
C ILE A 31 -1.45 16.66 -8.34
N HIS A 32 -2.02 15.78 -9.14
CA HIS A 32 -3.43 15.94 -9.50
C HIS A 32 -4.03 14.64 -9.03
N THR A 33 -5.32 14.63 -8.73
CA THR A 33 -5.95 13.41 -8.25
C THR A 33 -6.20 12.42 -9.39
N ALA A 34 -6.26 12.94 -10.61
CA ALA A 34 -6.48 12.11 -11.80
C ALA A 34 -7.90 11.60 -11.87
N GLY A 35 -8.74 12.06 -10.96
CA GLY A 35 -10.12 11.61 -10.96
C GLY A 35 -11.04 12.69 -11.50
N THR A 36 -12.28 12.68 -11.03
CA THR A 36 -13.25 13.67 -11.46
C THR A 36 -12.83 15.00 -10.86
N SER A 37 -13.39 16.08 -11.40
CA SER A 37 -13.08 17.41 -10.91
C SER A 37 -14.33 17.88 -10.17
N CYS A 38 -14.35 19.12 -9.74
CA CYS A 38 -15.48 19.64 -9.00
C CYS A 38 -15.34 21.14 -9.04
N THR A 39 -16.44 21.85 -9.27
CA THR A 39 -16.40 23.30 -9.34
C THR A 39 -17.26 24.01 -8.30
N VAL A 40 -17.94 23.23 -7.45
CA VAL A 40 -18.75 23.80 -6.38
C VAL A 40 -18.22 23.15 -5.11
N SER A 41 -18.22 23.86 -3.99
CA SER A 41 -17.67 23.32 -2.75
C SER A 41 -18.23 22.00 -2.21
N THR A 42 -19.55 21.81 -2.30
CA THR A 42 -20.13 20.57 -1.79
C THR A 42 -19.70 19.38 -2.63
N ASP A 43 -19.53 19.58 -3.93
CA ASP A 43 -19.08 18.50 -4.80
C ASP A 43 -17.64 18.14 -4.47
N CYS A 44 -16.82 19.16 -4.19
CA CYS A 44 -15.41 18.94 -3.86
C CYS A 44 -15.22 18.19 -2.53
N GLN A 45 -16.02 18.53 -1.52
CA GLN A 45 -15.92 17.86 -0.23
C GLN A 45 -16.19 16.36 -0.40
N THR A 46 -17.25 16.03 -1.13
CA THR A 46 -17.58 14.64 -1.38
C THR A 46 -16.38 13.95 -2.04
N VAL A 47 -15.78 14.63 -3.02
CA VAL A 47 -14.61 14.08 -3.71
C VAL A 47 -13.47 13.83 -2.73
N VAL A 48 -13.23 14.78 -1.83
CA VAL A 48 -12.16 14.65 -0.85
C VAL A 48 -12.47 13.49 0.08
N ARG A 49 -13.71 13.44 0.55
CA ARG A 49 -14.14 12.38 1.47
C ARG A 49 -13.94 11.01 0.87
N ASN A 50 -14.33 10.84 -0.39
CA ASN A 50 -14.16 9.54 -1.06
C ASN A 50 -12.68 9.18 -1.22
N ILE A 51 -11.84 10.18 -1.47
CA ILE A 51 -10.41 9.95 -1.63
C ILE A 51 -9.83 9.47 -0.31
N GLN A 52 -10.20 10.13 0.79
CA GLN A 52 -9.72 9.69 2.09
C GLN A 52 -10.07 8.21 2.27
N SER A 53 -11.32 7.86 2.00
CA SER A 53 -11.74 6.47 2.16
C SER A 53 -11.12 5.52 1.13
N PHE A 54 -10.78 6.05 -0.04
CA PHE A 54 -10.14 5.21 -1.05
C PHE A 54 -8.73 4.91 -0.55
N HIS A 55 -8.01 5.95 -0.14
CA HIS A 55 -6.65 5.81 0.35
C HIS A 55 -6.58 4.93 1.57
N MET A 56 -7.48 5.16 2.51
CA MET A 56 -7.52 4.39 3.76
C MET A 56 -7.99 2.95 3.59
N ASP A 57 -9.12 2.78 2.92
CA ASP A 57 -9.70 1.45 2.73
C ASP A 57 -9.04 0.58 1.66
N THR A 58 -8.54 1.15 0.57
CA THR A 58 -7.92 0.31 -0.46
C THR A 58 -6.41 0.42 -0.56
N ARG A 59 -5.87 1.60 -0.31
CA ARG A 59 -4.43 1.80 -0.39
C ARG A 59 -3.82 1.54 0.98
N ASN A 60 -4.68 1.40 1.96
CA ASN A 60 -4.29 1.12 3.33
C ASN A 60 -3.38 2.18 3.97
N PHE A 61 -3.57 3.44 3.57
CA PHE A 61 -2.79 4.55 4.14
C PHE A 61 -3.42 4.84 5.51
N CYS A 62 -2.75 5.65 6.33
CA CYS A 62 -3.28 6.01 7.65
C CYS A 62 -4.39 7.05 7.51
N ASP A 63 -4.35 7.80 6.42
CA ASP A 63 -5.33 8.85 6.16
C ASP A 63 -5.21 9.22 4.69
N ILE A 64 -5.89 10.28 4.28
CA ILE A 64 -5.78 10.75 2.90
C ILE A 64 -4.29 11.08 2.83
N GLY A 65 -3.66 10.78 1.70
CA GLY A 65 -2.23 11.00 1.57
C GLY A 65 -1.73 12.40 1.29
N TYR A 66 -2.64 13.30 0.98
CA TYR A 66 -2.26 14.66 0.67
C TYR A 66 -2.36 15.56 1.89
N HIS A 67 -1.56 16.61 1.89
CA HIS A 67 -1.58 17.57 2.99
C HIS A 67 -2.75 18.50 2.70
N PHE A 68 -2.90 18.88 1.43
CA PHE A 68 -3.99 19.75 0.97
C PHE A 68 -4.36 19.43 -0.47
N LEU A 69 -5.57 19.81 -0.85
CA LEU A 69 -6.07 19.63 -2.21
C LEU A 69 -6.66 20.98 -2.64
N VAL A 70 -6.69 21.21 -3.95
CA VAL A 70 -7.21 22.46 -4.50
C VAL A 70 -8.29 22.13 -5.53
N GLY A 71 -9.42 22.84 -5.46
CA GLY A 71 -10.51 22.60 -6.39
C GLY A 71 -10.68 23.69 -7.44
N GLN A 72 -11.34 23.34 -8.54
CA GLN A 72 -11.61 24.29 -9.63
C GLN A 72 -12.59 25.34 -9.14
N ASP A 73 -12.95 25.24 -7.87
CA ASP A 73 -13.87 26.18 -7.24
C ASP A 73 -13.02 27.23 -6.58
N GLY A 74 -11.71 27.10 -6.76
CA GLY A 74 -10.77 28.03 -6.17
C GLY A 74 -10.66 27.82 -4.68
N GLY A 75 -11.01 26.61 -4.24
CA GLY A 75 -10.95 26.29 -2.82
C GLY A 75 -9.78 25.39 -2.46
N VAL A 76 -9.25 25.62 -1.26
CA VAL A 76 -8.14 24.84 -0.73
C VAL A 76 -8.73 23.96 0.36
N TYR A 77 -8.60 22.64 0.19
CA TYR A 77 -9.14 21.69 1.15
C TYR A 77 -8.03 21.03 1.95
N GLU A 78 -8.27 20.91 3.26
CA GLU A 78 -7.30 20.30 4.15
C GLU A 78 -7.31 18.78 3.97
N GLY A 79 -6.14 18.21 3.68
CA GLY A 79 -6.03 16.77 3.54
C GLY A 79 -5.77 16.33 4.96
N VAL A 80 -4.51 16.11 5.30
CA VAL A 80 -4.14 15.75 6.67
C VAL A 80 -3.70 17.01 7.38
N GLY A 81 -3.47 18.09 6.63
CA GLY A 81 -3.04 19.34 7.24
C GLY A 81 -1.54 19.52 7.26
N TRP A 82 -1.06 20.58 7.92
CA TRP A 82 0.38 20.86 7.98
C TRP A 82 1.13 19.95 8.94
N HIS A 83 0.45 19.50 10.00
CA HIS A 83 1.09 18.73 11.05
C HIS A 83 1.15 17.21 10.99
N ILE A 84 0.68 16.63 9.90
CA ILE A 84 0.69 15.17 9.79
C ILE A 84 1.53 14.65 8.64
N GLN A 85 2.09 13.47 8.83
CA GLN A 85 2.92 12.84 7.83
C GLN A 85 2.07 12.69 6.58
N GLY A 86 2.69 12.57 5.43
CA GLY A 86 1.90 12.43 4.22
C GLY A 86 2.05 11.02 3.69
N SER A 87 1.28 10.69 2.67
CA SER A 87 1.33 9.38 2.02
C SER A 87 1.08 9.64 0.55
N HIS A 88 1.87 10.53 -0.04
CA HIS A 88 1.70 10.90 -1.44
C HIS A 88 2.87 10.58 -2.38
N THR A 89 4.10 10.60 -1.86
CA THR A 89 5.27 10.34 -2.68
C THR A 89 6.33 9.52 -1.94
N TYR A 90 6.73 8.39 -2.52
CA TYR A 90 7.75 7.54 -1.89
C TYR A 90 9.00 8.33 -1.50
N GLY A 91 9.41 8.20 -0.25
CA GLY A 91 10.60 8.89 0.22
C GLY A 91 10.49 10.37 0.51
N PHE A 92 9.32 10.97 0.34
CA PHE A 92 9.18 12.40 0.59
C PHE A 92 7.98 12.71 1.49
N ASN A 93 7.38 11.70 2.09
CA ASN A 93 6.21 11.95 2.91
C ASN A 93 6.44 12.71 4.20
N ASP A 94 7.68 12.74 4.64
CA ASP A 94 8.07 13.42 5.87
C ASP A 94 8.76 14.77 5.65
N ILE A 95 9.15 15.04 4.40
CA ILE A 95 9.85 16.27 4.06
C ILE A 95 9.19 17.11 2.96
N ALA A 96 8.12 16.59 2.37
CA ALA A 96 7.43 17.30 1.29
C ALA A 96 5.93 17.51 1.49
N LEU A 97 5.49 18.75 1.33
CA LEU A 97 4.08 19.07 1.44
C LEU A 97 3.48 18.68 0.08
N GLY A 98 2.55 17.73 0.11
CA GLY A 98 1.92 17.27 -1.11
C GLY A 98 0.62 18.00 -1.35
N ILE A 99 0.53 18.66 -2.50
CA ILE A 99 -0.65 19.43 -2.88
C ILE A 99 -1.22 18.91 -4.18
N ALA A 100 -2.44 18.40 -4.10
CA ALA A 100 -3.11 17.83 -5.25
C ALA A 100 -4.24 18.68 -5.77
N PHE A 101 -4.23 18.88 -7.08
CA PHE A 101 -5.29 19.63 -7.75
C PHE A 101 -6.34 18.56 -7.99
N ILE A 102 -7.57 18.84 -7.61
CA ILE A 102 -8.64 17.88 -7.79
C ILE A 102 -9.03 17.85 -9.26
N GLY A 103 -8.74 16.73 -9.93
CA GLY A 103 -9.06 16.61 -11.33
C GLY A 103 -8.01 15.82 -12.10
N TYR A 104 -8.14 15.81 -13.42
CA TYR A 104 -7.24 15.10 -14.32
C TYR A 104 -6.70 16.15 -15.28
N PHE A 105 -5.41 16.47 -15.17
CA PHE A 105 -4.84 17.54 -15.98
C PHE A 105 -3.66 17.25 -16.91
N VAL A 106 -3.81 16.30 -17.83
CA VAL A 106 -2.70 16.04 -18.74
C VAL A 106 -2.93 16.84 -20.02
N GLU A 107 -4.18 16.86 -20.47
CA GLU A 107 -4.57 17.58 -21.68
C GLU A 107 -4.92 19.03 -21.35
N LYS A 108 -5.68 19.23 -20.28
CA LYS A 108 -6.09 20.55 -19.84
C LYS A 108 -5.68 20.90 -18.42
N PRO A 109 -5.21 22.13 -18.22
CA PRO A 109 -4.76 22.65 -16.93
C PRO A 109 -5.87 23.13 -16.02
N PRO A 110 -5.62 23.19 -14.71
CA PRO A 110 -6.63 23.65 -13.76
C PRO A 110 -6.99 25.07 -14.17
N ASN A 111 -8.16 25.54 -13.79
CA ASN A 111 -8.53 26.91 -14.15
C ASN A 111 -7.72 27.89 -13.33
N ALA A 112 -7.87 29.16 -13.68
CA ALA A 112 -7.15 30.25 -13.03
C ALA A 112 -7.38 30.30 -11.51
N ALA A 113 -8.63 30.08 -11.09
CA ALA A 113 -8.97 30.09 -9.68
C ALA A 113 -8.17 29.03 -8.92
N ALA A 114 -8.03 27.85 -9.50
CA ALA A 114 -7.28 26.77 -8.88
C ALA A 114 -5.80 27.11 -8.80
N LEU A 115 -5.22 27.44 -9.95
CA LEU A 115 -3.80 27.79 -10.00
C LEU A 115 -3.48 28.90 -9.02
N GLU A 116 -4.37 29.89 -8.94
CA GLU A 116 -4.15 31.00 -8.03
C GLU A 116 -4.18 30.57 -6.56
N ALA A 117 -5.17 29.76 -6.20
CA ALA A 117 -5.31 29.29 -4.83
C ALA A 117 -4.09 28.49 -4.39
N ALA A 118 -3.59 27.66 -5.30
CA ALA A 118 -2.43 26.82 -5.04
C ALA A 118 -1.25 27.70 -4.64
N GLN A 119 -1.00 28.75 -5.42
CA GLN A 119 0.12 29.64 -5.14
C GLN A 119 -0.05 30.43 -3.85
N ASP A 120 -1.25 30.90 -3.57
CA ASP A 120 -1.48 31.66 -2.33
C ASP A 120 -1.18 30.74 -1.15
N LEU A 121 -1.45 29.46 -1.35
CA LEU A 121 -1.22 28.45 -0.33
C LEU A 121 0.27 28.31 -0.06
N ILE A 122 1.04 28.13 -1.13
CA ILE A 122 2.49 27.97 -1.03
C ILE A 122 3.10 29.19 -0.34
N GLN A 123 2.62 30.37 -0.72
CA GLN A 123 3.07 31.65 -0.17
C GLN A 123 2.90 31.64 1.35
N CYS A 124 1.70 31.24 1.77
CA CYS A 124 1.32 31.15 3.17
C CYS A 124 2.28 30.23 3.93
N ALA A 125 2.56 29.06 3.36
CA ALA A 125 3.45 28.09 3.99
C ALA A 125 4.81 28.67 4.31
N VAL A 126 5.33 29.49 3.41
CA VAL A 126 6.64 30.10 3.65
C VAL A 126 6.51 31.17 4.73
N VAL A 127 5.61 32.11 4.49
CA VAL A 127 5.35 33.20 5.42
C VAL A 127 5.17 32.70 6.85
N GLU A 128 4.39 31.63 7.00
CA GLU A 128 4.09 31.01 8.31
C GLU A 128 5.21 30.14 8.88
N GLY A 129 6.24 29.88 8.08
CA GLY A 129 7.34 29.05 8.55
C GLY A 129 7.11 27.54 8.47
N TYR A 130 6.18 27.12 7.62
CA TYR A 130 5.90 25.71 7.45
C TYR A 130 6.84 25.14 6.38
N LEU A 131 7.35 26.03 5.53
CA LEU A 131 8.26 25.67 4.44
C LEU A 131 9.56 26.46 4.60
N THR A 132 10.69 25.87 4.22
CA THR A 132 11.96 26.59 4.31
C THR A 132 11.93 27.65 3.20
N PRO A 133 12.56 28.81 3.42
CA PRO A 133 12.57 29.85 2.39
C PRO A 133 13.16 29.41 1.05
N ASN A 134 14.15 28.52 1.11
CA ASN A 134 14.84 28.01 -0.07
C ASN A 134 14.26 26.70 -0.62
N TYR A 135 13.04 26.37 -0.22
CA TYR A 135 12.36 25.14 -0.65
C TYR A 135 12.40 24.89 -2.16
N LEU A 136 12.23 23.64 -2.54
CA LEU A 136 12.21 23.24 -3.93
C LEU A 136 10.82 22.82 -4.32
N LEU A 137 10.39 23.21 -5.51
CA LEU A 137 9.08 22.87 -6.03
C LEU A 137 9.30 21.83 -7.14
N MET A 138 8.58 20.72 -7.10
CA MET A 138 8.74 19.70 -8.12
C MET A 138 7.42 19.09 -8.57
N GLY A 139 7.44 18.48 -9.75
CA GLY A 139 6.25 17.83 -10.25
C GLY A 139 6.31 16.40 -9.74
N HIS A 140 5.15 15.80 -9.46
CA HIS A 140 5.10 14.44 -8.95
C HIS A 140 6.02 13.51 -9.79
N SER A 141 5.92 13.60 -11.11
CA SER A 141 6.72 12.76 -12.03
C SER A 141 8.23 13.00 -12.03
N ASP A 142 8.69 14.12 -11.49
CA ASP A 142 10.12 14.38 -11.45
C ASP A 142 10.73 13.51 -10.35
N VAL A 143 9.92 13.24 -9.34
CA VAL A 143 10.30 12.47 -8.16
C VAL A 143 10.19 10.95 -8.29
N VAL A 144 9.06 10.46 -8.76
CA VAL A 144 8.83 9.04 -8.91
C VAL A 144 8.16 8.77 -10.23
N ASN A 145 8.20 7.52 -10.66
CA ASN A 145 7.56 7.11 -11.90
C ASN A 145 6.05 7.04 -11.63
N ILE A 146 5.32 8.02 -12.14
CA ILE A 146 3.89 8.08 -11.92
C ILE A 146 3.27 9.09 -12.87
N LEU A 147 2.02 8.83 -13.27
CA LEU A 147 1.32 9.74 -14.17
C LEU A 147 0.65 10.88 -13.41
N SER A 148 1.48 11.82 -12.94
CA SER A 148 1.02 13.00 -12.20
C SER A 148 2.13 14.07 -12.27
N PRO A 149 1.76 15.35 -12.24
CA PRO A 149 0.41 15.90 -12.16
C PRO A 149 -0.23 16.11 -13.52
N GLY A 150 0.36 15.53 -14.56
CA GLY A 150 -0.18 15.68 -15.91
C GLY A 150 0.53 16.77 -16.69
N GLN A 151 0.85 16.51 -17.96
CA GLN A 151 1.57 17.48 -18.79
C GLN A 151 1.07 18.91 -18.80
N ALA A 152 -0.23 19.11 -19.04
CA ALA A 152 -0.76 20.46 -19.07
C ALA A 152 -0.47 21.20 -17.76
N LEU A 153 -0.63 20.50 -16.65
CA LEU A 153 -0.40 21.09 -15.33
C LEU A 153 1.11 21.27 -15.13
N TYR A 154 1.87 20.29 -15.59
CA TYR A 154 3.32 20.33 -15.48
C TYR A 154 3.91 21.57 -16.14
N ASN A 155 3.44 21.85 -17.35
CA ASN A 155 3.94 23.01 -18.09
C ASN A 155 3.73 24.30 -17.33
N ILE A 156 2.62 24.39 -16.60
CA ILE A 156 2.34 25.61 -15.83
C ILE A 156 3.26 25.75 -14.62
N ILE A 157 3.34 24.73 -13.78
CA ILE A 157 4.19 24.84 -12.58
C ILE A 157 5.68 25.01 -12.91
N SER A 158 6.12 24.47 -14.05
CA SER A 158 7.53 24.59 -14.43
C SER A 158 7.94 26.05 -14.62
N THR A 159 6.96 26.95 -14.77
CA THR A 159 7.28 28.37 -14.89
C THR A 159 7.21 29.03 -13.51
N TRP A 160 6.91 28.27 -12.48
CA TRP A 160 6.85 28.85 -11.13
C TRP A 160 8.20 29.08 -10.46
N PRO A 161 8.25 30.03 -9.52
CA PRO A 161 9.52 30.27 -8.84
C PRO A 161 9.85 29.04 -8.02
N HIS A 162 11.12 28.73 -7.87
CA HIS A 162 11.52 27.57 -7.09
C HIS A 162 11.32 26.23 -7.77
N PHE A 163 10.67 26.22 -8.93
CA PHE A 163 10.51 24.96 -9.62
C PHE A 163 11.92 24.45 -9.87
N LYS A 164 12.19 23.17 -9.54
CA LYS A 164 13.52 22.61 -9.76
C LYS A 164 13.60 22.06 -11.17
N HIS A 165 14.45 22.67 -11.99
CA HIS A 165 14.65 22.29 -13.39
C HIS A 165 15.58 21.12 -13.58
N VAL B 1 18.96 -26.81 -3.63
CA VAL B 1 18.16 -25.83 -4.42
C VAL B 1 16.85 -25.45 -3.74
N CYS B 2 15.76 -26.00 -4.26
CA CYS B 2 14.42 -25.76 -3.77
C CYS B 2 14.07 -26.74 -2.64
N PRO B 3 13.30 -26.28 -1.64
CA PRO B 3 12.91 -27.16 -0.53
C PRO B 3 11.93 -28.22 -1.03
N ASN B 4 11.69 -29.25 -0.21
CA ASN B 4 10.79 -30.34 -0.57
C ASN B 4 9.38 -30.01 -1.06
N ILE B 5 8.58 -29.39 -0.19
CA ILE B 5 7.20 -29.02 -0.51
C ILE B 5 6.22 -30.19 -0.47
N ILE B 6 5.50 -30.29 0.64
CA ILE B 6 4.51 -31.34 0.86
C ILE B 6 3.27 -31.01 0.01
N LYS B 7 2.92 -31.92 -0.89
CA LYS B 7 1.79 -31.75 -1.81
C LYS B 7 0.40 -31.79 -1.21
N ARG B 8 -0.57 -31.28 -1.96
CA ARG B 8 -1.96 -31.27 -1.53
C ARG B 8 -2.46 -32.70 -1.27
N SER B 9 -1.98 -33.65 -2.07
CA SER B 9 -2.39 -35.04 -1.90
C SER B 9 -1.99 -35.51 -0.50
N ALA B 10 -0.80 -35.13 -0.07
CA ALA B 10 -0.29 -35.51 1.23
C ALA B 10 -1.21 -35.16 2.41
N TRP B 11 -1.81 -33.97 2.39
CA TRP B 11 -2.69 -33.57 3.47
C TRP B 11 -4.18 -33.71 3.14
N GLU B 12 -4.47 -34.49 2.12
CA GLU B 12 -5.83 -34.79 1.72
C GLU B 12 -6.70 -33.61 1.29
N ALA B 13 -6.11 -32.73 0.48
CA ALA B 13 -6.86 -31.58 -0.01
C ALA B 13 -8.09 -32.01 -0.78
N ARG B 14 -9.14 -31.20 -0.71
CA ARG B 14 -10.38 -31.47 -1.42
C ARG B 14 -10.19 -30.97 -2.86
N GLU B 15 -10.74 -31.69 -3.82
CA GLU B 15 -10.61 -31.32 -5.24
C GLU B 15 -11.41 -30.10 -5.59
N THR B 16 -10.77 -29.16 -6.29
CA THR B 16 -11.44 -27.94 -6.73
C THR B 16 -10.97 -27.55 -8.13
N HIS B 17 -11.60 -26.55 -8.71
CA HIS B 17 -11.24 -26.06 -10.02
C HIS B 17 -11.25 -24.53 -9.95
N CYS B 18 -10.13 -23.95 -9.50
CA CYS B 18 -10.01 -22.51 -9.36
C CYS B 18 -9.18 -21.85 -10.46
N PRO B 19 -9.40 -20.54 -10.69
CA PRO B 19 -8.67 -19.82 -11.75
C PRO B 19 -7.15 -19.87 -11.61
N LYS B 20 -6.47 -19.95 -12.74
CA LYS B 20 -5.01 -20.03 -12.74
C LYS B 20 -4.29 -18.73 -12.40
N MET B 21 -3.03 -18.87 -12.00
CA MET B 21 -2.19 -17.75 -11.65
C MET B 21 -1.28 -17.52 -12.84
N ASN B 22 -1.14 -16.27 -13.27
CA ASN B 22 -0.24 -15.99 -14.37
C ASN B 22 1.14 -15.66 -13.82
N LEU B 23 2.08 -16.56 -14.05
CA LEU B 23 3.44 -16.38 -13.58
C LEU B 23 4.24 -15.59 -14.60
N PRO B 24 5.29 -14.88 -14.14
CA PRO B 24 5.77 -14.79 -12.76
C PRO B 24 5.11 -13.69 -11.93
N ALA B 25 4.99 -13.93 -10.63
CA ALA B 25 4.38 -12.94 -9.73
C ALA B 25 5.33 -11.78 -9.49
N LYS B 26 4.79 -10.63 -9.14
CA LYS B 26 5.57 -9.43 -8.88
C LYS B 26 5.81 -9.16 -7.40
N TYR B 27 5.04 -9.83 -6.53
CA TYR B 27 5.18 -9.64 -5.10
C TYR B 27 5.21 -10.96 -4.33
N VAL B 28 5.57 -10.83 -3.06
CA VAL B 28 5.58 -11.92 -2.09
C VAL B 28 4.94 -11.29 -0.86
N ILE B 29 3.94 -11.92 -0.28
CA ILE B 29 3.29 -11.34 0.89
C ILE B 29 3.37 -12.36 2.02
N ILE B 30 3.93 -11.95 3.15
CA ILE B 30 4.09 -12.82 4.32
C ILE B 30 2.91 -12.66 5.26
N ILE B 31 2.37 -13.81 5.66
CA ILE B 31 1.18 -13.93 6.49
C ILE B 31 1.43 -14.92 7.63
N HIS B 32 0.51 -14.99 8.58
CA HIS B 32 0.57 -16.00 9.64
C HIS B 32 -0.87 -16.52 9.75
N THR B 33 -1.04 -17.79 10.13
CA THR B 33 -2.39 -18.34 10.21
C THR B 33 -3.17 -17.86 11.44
N ALA B 34 -2.46 -17.33 12.43
CA ALA B 34 -3.06 -16.82 13.66
C ALA B 34 -3.71 -17.92 14.51
N GLY B 35 -3.45 -19.17 14.17
CA GLY B 35 -4.03 -20.25 14.94
C GLY B 35 -2.94 -21.00 15.66
N THR B 36 -3.18 -22.29 15.91
CA THR B 36 -2.20 -23.11 16.59
C THR B 36 -1.07 -23.42 15.60
N SER B 37 0.13 -23.70 16.11
CA SER B 37 1.26 -24.00 15.23
C SER B 37 1.44 -25.51 15.08
N CYS B 38 2.60 -25.93 14.62
CA CYS B 38 2.88 -27.35 14.46
C CYS B 38 4.39 -27.55 14.37
N THR B 39 4.91 -28.61 14.97
CA THR B 39 6.33 -28.85 14.89
C THR B 39 6.63 -30.17 14.23
N VAL B 40 5.59 -30.98 13.99
CA VAL B 40 5.77 -32.27 13.32
C VAL B 40 4.83 -32.30 12.11
N SER B 41 5.30 -32.88 11.02
CA SER B 41 4.56 -32.92 9.75
C SER B 41 3.09 -33.27 9.81
N THR B 42 2.76 -34.44 10.33
CA THR B 42 1.37 -34.88 10.41
C THR B 42 0.45 -33.88 11.14
N ASP B 43 1.00 -33.05 12.02
CA ASP B 43 0.16 -32.07 12.72
C ASP B 43 -0.03 -30.87 11.81
N CYS B 44 1.02 -30.56 11.05
CA CYS B 44 0.97 -29.45 10.13
C CYS B 44 -0.07 -29.74 9.04
N GLN B 45 -0.09 -30.98 8.56
CA GLN B 45 -1.03 -31.38 7.51
C GLN B 45 -2.48 -31.24 7.96
N THR B 46 -2.76 -31.63 9.20
CA THR B 46 -4.10 -31.52 9.76
C THR B 46 -4.50 -30.06 9.84
N VAL B 47 -3.59 -29.21 10.31
CA VAL B 47 -3.87 -27.79 10.43
C VAL B 47 -4.18 -27.20 9.06
N VAL B 48 -3.44 -27.65 8.04
CA VAL B 48 -3.65 -27.15 6.69
C VAL B 48 -5.02 -27.57 6.16
N ARG B 49 -5.38 -28.84 6.32
CA ARG B 49 -6.67 -29.34 5.82
C ARG B 49 -7.84 -28.57 6.45
N ASN B 50 -7.75 -28.29 7.74
CA ASN B 50 -8.80 -27.56 8.42
C ASN B 50 -8.92 -26.13 7.91
N ILE B 51 -7.80 -25.52 7.54
CA ILE B 51 -7.85 -24.15 7.02
C ILE B 51 -8.52 -24.15 5.65
N GLN B 52 -8.18 -25.13 4.82
CA GLN B 52 -8.81 -25.21 3.49
C GLN B 52 -10.35 -25.24 3.62
N SER B 53 -10.83 -26.02 4.59
CA SER B 53 -12.26 -26.15 4.82
C SER B 53 -12.85 -24.88 5.47
N PHE B 54 -12.06 -24.24 6.33
CA PHE B 54 -12.51 -23.01 6.96
C PHE B 54 -12.66 -21.97 5.86
N HIS B 55 -11.62 -21.82 5.04
CA HIS B 55 -11.67 -20.85 3.96
C HIS B 55 -12.80 -21.14 2.98
N MET B 56 -12.99 -22.40 2.62
CA MET B 56 -14.04 -22.77 1.66
C MET B 56 -15.49 -22.75 2.18
N ASP B 57 -15.70 -23.35 3.35
CA ASP B 57 -17.03 -23.45 3.94
C ASP B 57 -17.47 -22.22 4.72
N THR B 58 -16.56 -21.53 5.38
CA THR B 58 -16.97 -20.36 6.15
C THR B 58 -16.63 -19.04 5.48
N ARG B 59 -15.51 -18.97 4.76
CA ARG B 59 -15.16 -17.72 4.08
C ARG B 59 -15.61 -17.74 2.62
N ASN B 60 -16.07 -18.90 2.15
CA ASN B 60 -16.54 -19.09 0.78
C ASN B 60 -15.48 -18.86 -0.31
N PHE B 61 -14.24 -19.21 0.01
CA PHE B 61 -13.13 -19.08 -0.93
C PHE B 61 -13.25 -20.27 -1.88
N CYS B 62 -12.55 -20.23 -3.01
CA CYS B 62 -12.59 -21.33 -3.96
C CYS B 62 -11.77 -22.49 -3.41
N ASP B 63 -10.76 -22.15 -2.62
CA ASP B 63 -9.85 -23.14 -2.03
C ASP B 63 -9.16 -22.44 -0.87
N ILE B 64 -8.12 -23.06 -0.32
CA ILE B 64 -7.37 -22.43 0.76
C ILE B 64 -6.83 -21.17 0.11
N GLY B 65 -6.67 -20.10 0.88
CA GLY B 65 -6.22 -18.85 0.30
C GLY B 65 -4.75 -18.67 -0.01
N TYR B 66 -3.90 -19.46 0.63
CA TYR B 66 -2.46 -19.36 0.47
C TYR B 66 -1.84 -20.19 -0.68
N HIS B 67 -0.70 -19.74 -1.19
CA HIS B 67 -0.01 -20.47 -2.25
C HIS B 67 0.81 -21.57 -1.58
N PHE B 68 1.38 -21.26 -0.43
CA PHE B 68 2.17 -22.22 0.32
C PHE B 68 2.10 -21.85 1.80
N LEU B 69 2.44 -22.78 2.68
CA LEU B 69 2.47 -22.51 4.12
C LEU B 69 3.75 -23.12 4.68
N VAL B 70 4.30 -22.51 5.73
CA VAL B 70 5.54 -23.00 6.35
C VAL B 70 5.29 -23.39 7.82
N GLY B 71 5.65 -24.61 8.20
CA GLY B 71 5.44 -25.06 9.57
C GLY B 71 6.65 -24.89 10.46
N GLN B 72 6.48 -25.08 11.76
CA GLN B 72 7.60 -24.95 12.69
C GLN B 72 8.46 -26.20 12.61
N ASP B 73 8.06 -27.13 11.75
CA ASP B 73 8.83 -28.35 11.57
C ASP B 73 9.93 -28.06 10.55
N GLY B 74 9.81 -26.90 9.90
CA GLY B 74 10.77 -26.53 8.89
C GLY B 74 10.32 -27.04 7.53
N GLY B 75 9.07 -27.49 7.45
CA GLY B 75 8.53 -27.99 6.20
C GLY B 75 7.72 -26.96 5.43
N VAL B 76 7.66 -27.12 4.11
CA VAL B 76 6.89 -26.23 3.26
C VAL B 76 5.70 -27.02 2.74
N TYR B 77 4.52 -26.43 2.89
CA TYR B 77 3.30 -27.08 2.46
C TYR B 77 2.59 -26.33 1.36
N GLU B 78 2.16 -27.09 0.37
CA GLU B 78 1.45 -26.52 -0.76
C GLU B 78 0.06 -26.02 -0.36
N GLY B 79 -0.27 -24.78 -0.76
CA GLY B 79 -1.59 -24.23 -0.50
C GLY B 79 -2.32 -24.55 -1.79
N VAL B 80 -2.46 -23.58 -2.69
CA VAL B 80 -3.05 -23.89 -3.98
C VAL B 80 -1.86 -24.08 -4.92
N GLY B 81 -0.65 -23.77 -4.44
CA GLY B 81 0.55 -23.91 -5.23
C GLY B 81 0.89 -22.73 -6.12
N TRP B 82 1.84 -22.95 -7.05
CA TRP B 82 2.32 -21.92 -7.99
C TRP B 82 1.34 -21.43 -9.07
N HIS B 83 0.59 -22.35 -9.66
CA HIS B 83 -0.30 -22.04 -10.78
C HIS B 83 -1.76 -21.68 -10.56
N ILE B 84 -2.16 -21.44 -9.31
CA ILE B 84 -3.53 -21.10 -8.97
C ILE B 84 -3.64 -19.74 -8.25
N GLN B 85 -4.71 -19.03 -8.51
CA GLN B 85 -4.95 -17.72 -7.92
C GLN B 85 -5.17 -17.81 -6.40
N GLY B 86 -4.70 -16.80 -5.67
CA GLY B 86 -4.87 -16.80 -4.24
C GLY B 86 -6.13 -16.13 -3.77
N SER B 87 -6.34 -16.21 -2.45
CA SER B 87 -7.49 -15.61 -1.79
C SER B 87 -6.95 -15.24 -0.43
N HIS B 88 -5.80 -14.58 -0.43
CA HIS B 88 -5.16 -14.21 0.83
C HIS B 88 -5.15 -12.72 1.09
N THR B 89 -5.08 -11.93 0.02
CA THR B 89 -5.04 -10.47 0.15
C THR B 89 -5.82 -9.74 -0.95
N TYR B 90 -6.79 -8.94 -0.53
CA TYR B 90 -7.62 -8.17 -1.43
C TYR B 90 -6.80 -7.34 -2.41
N GLY B 91 -7.03 -7.55 -3.70
CA GLY B 91 -6.32 -6.81 -4.73
C GLY B 91 -4.93 -7.28 -5.13
N PHE B 92 -4.42 -8.32 -4.48
CA PHE B 92 -3.08 -8.82 -4.81
C PHE B 92 -3.06 -10.31 -5.14
N ASN B 93 -4.24 -10.92 -5.14
CA ASN B 93 -4.34 -12.36 -5.40
C ASN B 93 -3.80 -12.88 -6.73
N ASP B 94 -3.71 -12.02 -7.73
CA ASP B 94 -3.23 -12.45 -9.05
C ASP B 94 -1.80 -11.97 -9.35
N ILE B 95 -1.20 -11.23 -8.42
CA ILE B 95 0.15 -10.72 -8.62
C ILE B 95 1.11 -11.00 -7.46
N ALA B 96 0.60 -11.55 -6.37
CA ALA B 96 1.45 -11.83 -5.21
C ALA B 96 1.35 -13.25 -4.71
N LEU B 97 2.50 -13.84 -4.40
CA LEU B 97 2.53 -15.19 -3.87
C LEU B 97 2.33 -15.00 -2.36
N GLY B 98 1.27 -15.59 -1.84
CA GLY B 98 0.99 -15.49 -0.41
C GLY B 98 1.56 -16.68 0.34
N ILE B 99 2.49 -16.42 1.24
CA ILE B 99 3.14 -17.44 2.04
C ILE B 99 2.78 -17.24 3.53
N ALA B 100 2.11 -18.23 4.13
CA ALA B 100 1.70 -18.09 5.52
C ALA B 100 2.40 -19.02 6.50
N PHE B 101 3.02 -18.46 7.52
CA PHE B 101 3.67 -19.29 8.54
C PHE B 101 2.52 -19.86 9.39
N ILE B 102 2.57 -21.16 9.67
CA ILE B 102 1.53 -21.81 10.46
C ILE B 102 1.77 -21.46 11.93
N GLY B 103 0.90 -20.65 12.50
CA GLY B 103 1.06 -20.25 13.89
C GLY B 103 0.58 -18.83 14.13
N TYR B 104 0.85 -18.33 15.33
CA TYR B 104 0.46 -16.97 15.76
C TYR B 104 1.74 -16.30 16.24
N PHE B 105 2.17 -15.27 15.53
CA PHE B 105 3.43 -14.63 15.87
C PHE B 105 3.47 -13.13 16.11
N VAL B 106 2.65 -12.60 17.04
CA VAL B 106 2.72 -11.18 17.31
C VAL B 106 3.74 -10.94 18.42
N GLU B 107 3.82 -11.88 19.35
CA GLU B 107 4.72 -11.75 20.49
C GLU B 107 6.08 -12.41 20.22
N LYS B 108 6.04 -13.64 19.71
CA LYS B 108 7.26 -14.38 19.40
C LYS B 108 7.28 -14.75 17.93
N PRO B 109 8.47 -14.74 17.32
CA PRO B 109 8.63 -15.07 15.89
C PRO B 109 8.78 -16.57 15.64
N PRO B 110 8.63 -16.99 14.37
CA PRO B 110 8.77 -18.42 14.06
C PRO B 110 10.22 -18.82 14.39
N ASN B 111 10.47 -20.12 14.51
CA ASN B 111 11.82 -20.59 14.80
C ASN B 111 12.69 -20.49 13.56
N ALA B 112 13.99 -20.73 13.73
CA ALA B 112 14.96 -20.65 12.65
C ALA B 112 14.60 -21.55 11.47
N ALA B 113 14.16 -22.78 11.76
CA ALA B 113 13.78 -23.71 10.70
C ALA B 113 12.68 -23.15 9.80
N ALA B 114 11.70 -22.47 10.40
CA ALA B 114 10.61 -21.88 9.66
C ALA B 114 11.07 -20.69 8.82
N LEU B 115 11.76 -19.75 9.46
CA LEU B 115 12.24 -18.58 8.77
C LEU B 115 13.15 -18.92 7.59
N GLU B 116 14.00 -19.91 7.76
CA GLU B 116 14.92 -20.29 6.70
C GLU B 116 14.24 -21.06 5.58
N ALA B 117 13.24 -21.87 5.93
CA ALA B 117 12.51 -22.61 4.91
C ALA B 117 11.80 -21.59 4.02
N ALA B 118 11.19 -20.58 4.64
CA ALA B 118 10.48 -19.53 3.92
C ALA B 118 11.40 -18.80 2.92
N GLN B 119 12.63 -18.51 3.34
CA GLN B 119 13.56 -17.83 2.48
C GLN B 119 14.03 -18.73 1.33
N ASP B 120 14.22 -20.03 1.60
CA ASP B 120 14.64 -20.95 0.54
C ASP B 120 13.54 -21.04 -0.50
N LEU B 121 12.30 -21.04 -0.03
CA LEU B 121 11.17 -21.09 -0.95
C LEU B 121 11.20 -19.85 -1.84
N ILE B 122 11.42 -18.71 -1.23
CA ILE B 122 11.46 -17.45 -1.98
C ILE B 122 12.63 -17.42 -2.96
N GLN B 123 13.74 -18.04 -2.60
CA GLN B 123 14.91 -18.07 -3.48
C GLN B 123 14.57 -19.00 -4.66
N CYS B 124 13.85 -20.07 -4.33
CA CYS B 124 13.42 -21.06 -5.30
C CYS B 124 12.46 -20.43 -6.32
N ALA B 125 11.56 -19.58 -5.83
CA ALA B 125 10.60 -18.92 -6.70
C ALA B 125 11.31 -18.07 -7.75
N VAL B 126 12.34 -17.34 -7.35
CA VAL B 126 13.10 -16.51 -8.29
C VAL B 126 13.90 -17.37 -9.27
N VAL B 127 14.72 -18.27 -8.73
CA VAL B 127 15.53 -19.14 -9.57
C VAL B 127 14.70 -19.94 -10.57
N GLU B 128 13.47 -20.27 -10.19
CA GLU B 128 12.59 -21.03 -11.07
C GLU B 128 11.83 -20.15 -12.08
N GLY B 129 11.81 -18.85 -11.85
CA GLY B 129 11.12 -17.96 -12.75
C GLY B 129 9.66 -17.71 -12.38
N TYR B 130 9.30 -18.08 -11.15
CA TYR B 130 7.93 -17.86 -10.67
C TYR B 130 7.78 -16.44 -10.11
N LEU B 131 8.91 -15.84 -9.74
CA LEU B 131 8.94 -14.47 -9.21
C LEU B 131 9.80 -13.61 -10.14
N THR B 132 9.41 -12.35 -10.36
CA THR B 132 10.25 -11.48 -11.18
C THR B 132 11.50 -11.15 -10.37
N PRO B 133 12.67 -11.11 -11.02
CA PRO B 133 13.91 -10.80 -10.29
C PRO B 133 13.84 -9.54 -9.43
N ASN B 134 13.04 -8.58 -9.86
CA ASN B 134 12.86 -7.32 -9.13
C ASN B 134 11.62 -7.30 -8.24
N TYR B 135 11.17 -8.46 -7.79
CA TYR B 135 9.99 -8.57 -6.95
C TYR B 135 10.04 -7.71 -5.67
N LEU B 136 8.88 -7.47 -5.09
CA LEU B 136 8.78 -6.70 -3.85
C LEU B 136 8.17 -7.61 -2.78
N LEU B 137 8.78 -7.62 -1.60
CA LEU B 137 8.34 -8.43 -0.46
C LEU B 137 7.57 -7.54 0.52
N MET B 138 6.39 -7.97 0.96
CA MET B 138 5.62 -7.17 1.91
C MET B 138 4.94 -8.00 2.99
N GLY B 139 4.68 -7.36 4.13
CA GLY B 139 4.00 -8.02 5.23
C GLY B 139 2.52 -7.81 4.98
N HIS B 140 1.69 -8.72 5.45
CA HIS B 140 0.24 -8.62 5.26
C HIS B 140 -0.33 -7.25 5.67
N SER B 141 0.07 -6.78 6.85
CA SER B 141 -0.42 -5.52 7.38
C SER B 141 -0.04 -4.30 6.55
N ASP B 142 0.90 -4.47 5.62
CA ASP B 142 1.29 -3.33 4.78
C ASP B 142 0.27 -3.15 3.67
N VAL B 143 -0.31 -4.26 3.23
CA VAL B 143 -1.27 -4.28 2.13
C VAL B 143 -2.73 -4.04 2.50
N VAL B 144 -3.21 -4.70 3.55
CA VAL B 144 -4.58 -4.51 4.00
C VAL B 144 -4.56 -4.31 5.51
N ASN B 145 -5.70 -3.87 6.05
CA ASN B 145 -5.86 -3.62 7.49
C ASN B 145 -6.15 -4.92 8.21
N ILE B 146 -5.10 -5.61 8.64
CA ILE B 146 -5.26 -6.91 9.28
C ILE B 146 -4.16 -7.19 10.31
N LEU B 147 -4.47 -8.08 11.25
CA LEU B 147 -3.52 -8.48 12.28
C LEU B 147 -2.73 -9.67 11.75
N SER B 148 -1.77 -9.38 10.88
CA SER B 148 -0.94 -10.41 10.23
C SER B 148 0.19 -9.68 9.49
N PRO B 149 1.40 -10.28 9.44
CA PRO B 149 1.81 -11.57 10.01
C PRO B 149 2.20 -11.56 11.48
N GLY B 150 1.88 -10.48 12.19
CA GLY B 150 2.25 -10.39 13.60
C GLY B 150 3.49 -9.53 13.78
N GLN B 151 3.48 -8.67 14.79
CA GLN B 151 4.60 -7.77 15.01
C GLN B 151 5.97 -8.42 15.02
N ALA B 152 6.14 -9.48 15.79
CA ALA B 152 7.43 -10.15 15.88
C ALA B 152 7.89 -10.74 14.56
N LEU B 153 6.96 -11.31 13.80
CA LEU B 153 7.32 -11.88 12.49
C LEU B 153 7.58 -10.71 11.54
N TYR B 154 6.81 -9.63 11.70
CA TYR B 154 6.98 -8.47 10.85
C TYR B 154 8.40 -7.90 11.01
N ASN B 155 8.80 -7.70 12.27
CA ASN B 155 10.12 -7.17 12.57
C ASN B 155 11.23 -7.97 11.88
N ILE B 156 11.05 -9.28 11.74
CA ILE B 156 12.07 -10.09 11.10
C ILE B 156 12.07 -9.98 9.57
N ILE B 157 10.90 -10.11 8.95
CA ILE B 157 10.85 -10.05 7.49
C ILE B 157 11.19 -8.68 6.93
N SER B 158 11.00 -7.64 7.72
CA SER B 158 11.31 -6.29 7.26
C SER B 158 12.80 -6.08 7.02
N THR B 159 13.61 -7.04 7.49
CA THR B 159 15.07 -6.97 7.32
C THR B 159 15.52 -7.85 6.16
N TRP B 160 14.56 -8.45 5.47
CA TRP B 160 14.88 -9.35 4.36
C TRP B 160 15.07 -8.64 3.02
N PRO B 161 15.92 -9.20 2.14
CA PRO B 161 16.14 -8.56 0.83
C PRO B 161 14.82 -8.30 0.12
N HIS B 162 14.72 -7.17 -0.56
CA HIS B 162 13.53 -6.82 -1.31
C HIS B 162 12.32 -6.33 -0.53
N PHE B 163 12.39 -6.38 0.80
CA PHE B 163 11.26 -5.89 1.58
C PHE B 163 10.97 -4.48 1.11
N LYS B 164 9.70 -4.17 0.90
CA LYS B 164 9.33 -2.84 0.47
C LYS B 164 9.16 -1.99 1.72
N HIS B 165 10.00 -0.98 1.86
CA HIS B 165 9.94 -0.10 3.01
C HIS B 165 8.94 1.03 2.86
N ALA C 1 -1.01 8.74 -5.98
CA ALA C 1 -0.22 8.69 -4.75
C ALA C 1 0.73 7.49 -4.79
N GMA C 2 1.92 7.70 -4.24
CA GMA C 2 2.94 6.64 -4.17
CD GMA C 2 4.07 6.90 -5.17
O1 GMA C 2 5.04 7.59 -4.87
CB GMA C 2 3.50 6.59 -2.74
CG GMA C 2 2.40 6.25 -1.73
C GMA C 2 2.93 6.47 -0.32
O GMA C 2 3.40 7.55 0.00
N2 GMA C 2 3.91 6.32 -6.36
N LYS C 3 2.82 5.43 0.52
CA LYS C 3 3.30 5.51 1.90
C LYS C 3 4.70 4.90 2.01
N DAL C 4 5.43 5.34 3.03
CA DAL C 4 6.80 4.89 3.32
CB DAL C 4 7.26 5.52 4.64
C DAL C 4 7.76 5.31 2.20
O DAL C 4 7.77 6.45 1.77
N DAL C 5 8.55 4.33 1.77
CA DAL C 5 9.55 4.55 0.71
CB DAL C 5 9.79 3.23 -0.04
C DAL C 5 10.86 5.05 1.34
O DAL C 5 11.46 5.99 0.85
N NH2 C 6 11.24 4.38 2.42
N ALA D 1 -6.48 -13.99 6.45
CA ALA D 1 -6.63 -13.88 4.98
C ALA D 1 -7.69 -12.83 4.66
N GMA D 2 -7.51 -12.16 3.51
CA GMA D 2 -8.43 -11.11 3.05
CD GMA D 2 -7.87 -9.73 3.37
O1 GMA D 2 -7.16 -9.13 2.57
CB GMA D 2 -8.65 -11.25 1.54
CG GMA D 2 -9.29 -12.61 1.24
C GMA D 2 -9.47 -12.84 -0.27
O GMA D 2 -8.52 -12.76 -1.05
N2 GMA D 2 -8.25 -9.23 4.54
N LYS D 3 -10.72 -13.10 -0.62
CA LYS D 3 -11.19 -13.39 -1.99
C LYS D 3 -11.33 -12.13 -2.85
N DAL D 4 -11.03 -12.30 -4.13
CA DAL D 4 -11.11 -11.25 -5.16
CB DAL D 4 -10.50 -11.75 -6.47
C DAL D 4 -10.40 -9.95 -4.74
O DAL D 4 -9.26 -9.98 -4.27
N DAL D 5 -11.11 -8.85 -4.94
CA DAL D 5 -10.60 -7.51 -4.58
CB DAL D 5 -11.76 -6.64 -4.08
C DAL D 5 -9.92 -6.83 -5.77
O DAL D 5 -9.28 -5.80 -5.62
N NH2 D 6 -10.06 -7.45 -6.95
S SO4 E . 12.22 32.78 -2.34
O1 SO4 E . 11.88 32.17 -1.04
O2 SO4 E . 11.07 32.56 -3.22
O3 SO4 E . 12.45 34.23 -2.16
O4 SO4 E . 13.46 32.20 -2.89
S SO4 F . 15.60 -3.57 3.09
O1 SO4 F . 16.81 -4.44 3.02
O2 SO4 F . 16.08 -2.20 3.16
O3 SO4 F . 14.79 -3.76 1.85
O4 SO4 F . 14.81 -3.94 4.25
C1 AMU G . -5.95 7.15 -9.15
C2 AMU G . -4.88 7.72 -8.22
C3 AMU G . -3.60 8.07 -8.99
C4 AMU G . -3.18 6.91 -9.89
C5 AMU G . -4.35 6.47 -10.79
C6 AMU G . -3.94 5.31 -11.69
C7 AMU G . -5.42 8.97 -6.17
C8 AMU G . -6.06 10.25 -5.63
C9 AMU G . -2.42 9.73 -7.73
C10 AMU G . -1.63 9.83 -6.43
C11 AMU G . -1.66 10.48 -8.83
O1 AMU G . -6.43 8.17 -10.03
O3 AMU G . -2.51 8.35 -8.09
O4 AMU G . -2.09 7.34 -10.72
O5 AMU G . -5.43 6.06 -9.94
O6 AMU G . -3.54 4.20 -10.88
O7 AMU G . -4.91 8.15 -5.41
O10 AMU G . -1.57 10.91 -5.85
N2 AMU G . -5.43 8.87 -7.50
C1 AMU H . -8.23 -16.45 11.76
C2 AMU H . -7.69 -16.09 10.36
C3 AMU H . -6.94 -14.76 10.38
C4 AMU H . -7.70 -13.67 11.14
C5 AMU H . -8.16 -14.20 12.51
C6 AMU H . -8.95 -13.12 13.26
C7 AMU H . -7.01 -17.82 8.74
C8 AMU H . -6.01 -18.94 8.45
C9 AMU H . -5.40 -14.67 8.55
C10 AMU H . -5.45 -14.60 7.03
C11 AMU H . -4.31 -13.73 9.06
O1 AMU H . -7.13 -16.76 12.61
O3 AMU H . -6.68 -14.26 9.06
O4 AMU H . -6.84 -12.55 11.32
O5 AMU H . -8.98 -15.36 12.31
O6 AMU H . -9.32 -13.62 14.55
O7 AMU H . -7.91 -17.57 7.94
O10 AMU H . -4.54 -15.11 6.38
N2 AMU H . -6.83 -17.18 9.89
#